data_5O0D
#
_entry.id   5O0D
#
_cell.length_a   75.913
_cell.length_b   125.192
_cell.length_c   119.144
_cell.angle_alpha   90.000
_cell.angle_beta   90.000
_cell.angle_gamma   90.000
#
_symmetry.space_group_name_H-M   'C 2 2 21'
#
loop_
_entity.id
_entity.type
_entity.pdbx_description
1 polymer 'Phosphopantetheine adenylyltransferase'
2 non-polymer '(2~{S})-2-oxidanyl-2-(3-phenoxyphenyl)ethanoic acid'
3 water water
#
_entity_poly.entity_id   1
_entity_poly.type   'polypeptide(L)'
_entity_poly.pdbx_seq_one_letter_code
;SMTGAVCPGSFDPVTLGHLDVFERAAAQFDEVIVAVLINPNKAGMFTVDERIEMIRESTADLPNLRVESGQGLLVDFVRE
RGLNAIVKGLRTGTDFEYELQMAQMNKHIAGVDTFFVATAPAYSFVSSSLAKEVATYGGDVSALLPASVHQRLLGKLRGQ
AQ
;
_entity_poly.pdbx_strand_id   A,B,C
#
# COMPACT_ATOMS: atom_id res chain seq x y z
N MET A 2 -14.49 34.22 -10.84
CA MET A 2 -14.32 33.43 -12.05
C MET A 2 -13.55 32.14 -11.78
N THR A 3 -12.40 32.25 -11.14
CA THR A 3 -11.56 31.07 -10.90
C THR A 3 -12.10 30.24 -9.75
N GLY A 4 -11.78 28.96 -9.74
CA GLY A 4 -12.30 28.08 -8.72
C GLY A 4 -11.65 26.73 -8.70
N ALA A 5 -11.73 26.06 -7.56
CA ALA A 5 -11.15 24.74 -7.41
C ALA A 5 -12.01 23.91 -6.51
N VAL A 6 -11.88 22.60 -6.67
CA VAL A 6 -12.56 21.65 -5.79
C VAL A 6 -11.53 20.94 -4.94
N CYS A 7 -11.82 20.86 -3.63
CA CYS A 7 -10.97 20.14 -2.68
CA CYS A 7 -10.97 20.13 -2.71
C CYS A 7 -11.69 18.86 -2.25
N PRO A 8 -11.29 17.71 -2.80
CA PRO A 8 -12.03 16.47 -2.54
C PRO A 8 -11.45 15.63 -1.42
N GLY A 9 -12.29 14.78 -0.86
CA GLY A 9 -11.87 13.81 0.13
C GLY A 9 -13.05 13.12 0.75
N SER A 10 -12.77 12.11 1.57
CA SER A 10 -13.84 11.48 2.34
CA SER A 10 -13.81 11.45 2.36
C SER A 10 -14.11 12.22 3.65
N PHE A 11 -13.11 12.92 4.16
CA PHE A 11 -13.21 13.76 5.36
C PHE A 11 -14.00 13.08 6.48
N ASP A 12 -13.50 11.93 6.88
CA ASP A 12 -14.19 11.08 7.84
C ASP A 12 -13.32 10.76 9.07
N PRO A 13 -12.99 11.77 9.89
CA PRO A 13 -13.37 13.18 9.85
C PRO A 13 -12.31 14.04 9.20
N VAL A 14 -12.71 15.27 8.91
CA VAL A 14 -11.77 16.31 8.51
C VAL A 14 -10.69 16.51 9.61
N THR A 15 -9.45 16.72 9.17
CA THR A 15 -8.34 16.99 10.08
C THR A 15 -7.80 18.42 9.92
N LEU A 16 -6.88 18.83 10.80
CA LEU A 16 -6.25 20.14 10.67
C LEU A 16 -5.40 20.23 9.41
N GLY A 17 -4.89 19.11 8.94
CA GLY A 17 -4.18 19.06 7.68
C GLY A 17 -5.09 19.43 6.52
N HIS A 18 -6.30 18.86 6.51
CA HIS A 18 -7.27 19.23 5.48
C HIS A 18 -7.65 20.69 5.55
N LEU A 19 -7.90 21.18 6.76
CA LEU A 19 -8.30 22.57 6.91
C LEU A 19 -7.22 23.52 6.41
N ASP A 20 -5.96 23.18 6.64
CA ASP A 20 -4.85 23.97 6.12
C ASP A 20 -4.92 24.06 4.59
N VAL A 21 -5.17 22.94 3.94
CA VAL A 21 -5.31 22.90 2.49
C VAL A 21 -6.49 23.75 2.03
N PHE A 22 -7.63 23.63 2.70
CA PHE A 22 -8.80 24.47 2.38
C PHE A 22 -8.46 25.97 2.41
N GLU A 23 -7.78 26.39 3.48
CA GLU A 23 -7.47 27.79 3.67
C GLU A 23 -6.53 28.29 2.57
N ARG A 24 -5.56 27.46 2.22
CA ARG A 24 -4.62 27.81 1.18
C ARG A 24 -5.26 27.87 -0.20
N ALA A 25 -6.17 26.94 -0.46
CA ALA A 25 -6.94 27.01 -1.70
C ALA A 25 -7.83 28.25 -1.73
N ALA A 26 -8.49 28.55 -0.61
CA ALA A 26 -9.43 29.68 -0.57
C ALA A 26 -8.70 31.01 -0.74
N ALA A 27 -7.41 31.02 -0.41
CA ALA A 27 -6.62 32.23 -0.56
C ALA A 27 -6.19 32.47 -2.02
N GLN A 28 -6.25 31.44 -2.85
CA GLN A 28 -5.67 31.54 -4.19
C GLN A 28 -6.68 31.39 -5.33
N PHE A 29 -7.92 31.05 -4.99
CA PHE A 29 -8.98 30.85 -5.98
C PHE A 29 -10.22 31.64 -5.56
N ASP A 30 -11.00 32.13 -6.52
CA ASP A 30 -12.15 32.96 -6.16
C ASP A 30 -13.21 32.16 -5.39
N GLU A 31 -13.42 30.90 -5.77
CA GLU A 31 -14.32 30.06 -5.00
C GLU A 31 -13.70 28.70 -4.78
N VAL A 32 -14.00 28.09 -3.65
CA VAL A 32 -13.54 26.75 -3.38
C VAL A 32 -14.72 25.91 -2.96
N ILE A 33 -14.85 24.72 -3.54
CA ILE A 33 -15.86 23.79 -3.09
C ILE A 33 -15.18 22.57 -2.47
N VAL A 34 -15.51 22.30 -1.22
CA VAL A 34 -15.05 21.08 -0.57
C VAL A 34 -16.02 19.98 -0.98
N ALA A 35 -15.49 18.96 -1.66
CA ALA A 35 -16.32 17.85 -2.12
C ALA A 35 -16.18 16.65 -1.17
N VAL A 36 -17.24 16.38 -0.42
CA VAL A 36 -17.26 15.25 0.49
C VAL A 36 -17.74 14.05 -0.30
N LEU A 37 -16.80 13.20 -0.68
CA LEU A 37 -17.12 12.09 -1.55
C LEU A 37 -17.50 10.84 -0.73
N ILE A 38 -18.70 10.34 -0.99
CA ILE A 38 -19.31 9.29 -0.19
C ILE A 38 -19.33 7.98 -0.96
N ASN A 39 -18.91 6.89 -0.33
CA ASN A 39 -19.06 5.57 -0.92
C ASN A 39 -20.40 4.99 -0.50
N PRO A 40 -21.33 4.87 -1.47
CA PRO A 40 -22.69 4.42 -1.11
C PRO A 40 -22.69 2.97 -0.65
N ASN A 41 -21.56 2.29 -0.78
CA ASN A 41 -21.46 0.88 -0.41
C ASN A 41 -20.74 0.64 0.91
N LYS A 42 -20.00 1.63 1.41
CA LYS A 42 -19.40 1.50 2.73
C LYS A 42 -19.58 2.76 3.57
N ALA A 43 -20.29 2.62 4.68
CA ALA A 43 -20.46 3.72 5.60
C ALA A 43 -19.14 3.97 6.27
N GLY A 44 -18.84 5.24 6.55
CA GLY A 44 -17.65 5.54 7.30
C GLY A 44 -18.03 5.62 8.76
N MET A 45 -17.19 6.30 9.54
CA MET A 45 -17.52 6.57 10.92
C MET A 45 -18.64 7.60 11.06
N PHE A 46 -18.60 8.63 10.22
CA PHE A 46 -19.56 9.71 10.29
C PHE A 46 -20.47 9.69 9.08
N THR A 47 -21.73 10.05 9.28
CA THR A 47 -22.66 10.19 8.17
C THR A 47 -22.26 11.41 7.34
N VAL A 48 -22.83 11.53 6.15
CA VAL A 48 -22.54 12.67 5.29
CA VAL A 48 -22.52 12.66 5.28
C VAL A 48 -22.88 13.99 5.96
N ASP A 49 -24.04 14.06 6.63
CA ASP A 49 -24.40 15.33 7.24
C ASP A 49 -23.45 15.68 8.38
N GLU A 50 -23.01 14.68 9.14
CA GLU A 50 -22.02 14.92 10.19
C GLU A 50 -20.69 15.42 9.62
N ARG A 51 -20.21 14.81 8.55
CA ARG A 51 -18.94 15.26 7.94
C ARG A 51 -19.02 16.71 7.47
N ILE A 52 -20.12 17.04 6.82
CA ILE A 52 -20.33 18.39 6.31
C ILE A 52 -20.43 19.41 7.45
N GLU A 53 -21.14 19.05 8.51
CA GLU A 53 -21.27 19.93 9.67
C GLU A 53 -19.92 20.19 10.34
N MET A 54 -19.08 19.18 10.45
CA MET A 54 -17.78 19.38 11.07
C MET A 54 -16.91 20.27 10.21
N ILE A 55 -17.02 20.17 8.89
CA ILE A 55 -16.23 21.03 8.01
C ILE A 55 -16.73 22.47 8.04
N ARG A 56 -18.04 22.65 7.98
CA ARG A 56 -18.61 24.00 8.02
C ARG A 56 -18.21 24.73 9.29
N GLU A 57 -18.30 24.05 10.43
CA GLU A 57 -18.00 24.70 11.70
C GLU A 57 -16.55 25.18 11.79
N SER A 58 -15.63 24.47 11.12
CA SER A 58 -14.24 24.87 11.19
C SER A 58 -13.76 25.71 9.99
N THR A 59 -14.68 26.07 9.09
CA THR A 59 -14.35 26.93 7.94
C THR A 59 -15.22 28.17 7.87
N ALA A 60 -15.84 28.52 8.99
CA ALA A 60 -16.82 29.60 9.02
C ALA A 60 -16.22 30.95 8.60
N ASP A 61 -14.90 31.10 8.78
CA ASP A 61 -14.21 32.34 8.44
C ASP A 61 -13.60 32.35 7.03
N LEU A 62 -14.03 31.42 6.18
CA LEU A 62 -13.62 31.40 4.77
C LEU A 62 -14.84 31.67 3.89
N PRO A 63 -15.07 32.95 3.56
CA PRO A 63 -16.32 33.35 2.92
C PRO A 63 -16.53 32.79 1.51
N ASN A 64 -15.45 32.41 0.83
CA ASN A 64 -15.55 31.94 -0.54
C ASN A 64 -15.49 30.41 -0.63
N LEU A 65 -15.67 29.74 0.49
CA LEU A 65 -15.67 28.28 0.51
C LEU A 65 -17.05 27.73 0.82
N ARG A 66 -17.48 26.71 0.07
CA ARG A 66 -18.68 25.99 0.42
C ARG A 66 -18.46 24.49 0.40
N VAL A 67 -19.39 23.75 1.02
CA VAL A 67 -19.21 22.32 1.20
C VAL A 67 -20.38 21.56 0.60
N GLU A 68 -20.10 20.57 -0.24
CA GLU A 68 -21.14 19.76 -0.89
C GLU A 68 -20.70 18.31 -0.96
N SER A 69 -21.63 17.38 -0.86
CA SER A 69 -21.27 15.98 -1.03
C SER A 69 -21.52 15.50 -2.46
N GLY A 70 -20.93 14.35 -2.77
CA GLY A 70 -21.13 13.72 -4.05
C GLY A 70 -20.63 12.29 -4.06
N GLN A 71 -20.74 11.64 -5.20
CA GLN A 71 -20.25 10.27 -5.35
C GLN A 71 -19.98 10.04 -6.83
N GLY A 72 -19.36 8.92 -7.16
CA GLY A 72 -19.02 8.65 -8.54
C GLY A 72 -17.74 9.37 -8.95
N LEU A 73 -17.63 9.71 -10.22
CA LEU A 73 -16.42 10.35 -10.72
C LEU A 73 -16.25 11.79 -10.23
N LEU A 74 -15.12 12.06 -9.58
CA LEU A 74 -14.79 13.40 -9.16
C LEU A 74 -14.86 14.39 -10.33
N VAL A 75 -14.35 14.00 -11.50
CA VAL A 75 -14.34 14.97 -12.60
C VAL A 75 -15.76 15.40 -13.02
N ASP A 76 -16.77 14.56 -12.80
CA ASP A 76 -18.15 14.97 -13.10
C ASP A 76 -18.64 16.03 -12.10
N PHE A 77 -18.31 15.82 -10.83
CA PHE A 77 -18.60 16.80 -9.79
C PHE A 77 -17.97 18.16 -10.14
N VAL A 78 -16.72 18.12 -10.59
CA VAL A 78 -15.99 19.34 -10.89
C VAL A 78 -16.62 20.05 -12.10
N ARG A 79 -16.80 19.30 -13.19
CA ARG A 79 -17.28 19.88 -14.44
C ARG A 79 -18.72 20.40 -14.33
N GLU A 80 -19.56 19.71 -13.56
CA GLU A 80 -20.97 20.14 -13.49
C GLU A 80 -21.11 21.46 -12.74
N ARG A 81 -20.05 21.89 -12.06
CA ARG A 81 -20.03 23.18 -11.39
C ARG A 81 -19.27 24.23 -12.22
N GLY A 82 -18.95 23.87 -13.46
CA GLY A 82 -18.29 24.81 -14.35
C GLY A 82 -16.84 25.07 -14.02
N LEU A 83 -16.24 24.14 -13.28
CA LEU A 83 -14.84 24.26 -12.90
C LEU A 83 -13.99 23.21 -13.58
N ASN A 84 -12.67 23.33 -13.48
CA ASN A 84 -11.75 22.46 -14.15
CA ASN A 84 -11.82 22.27 -14.03
C ASN A 84 -10.47 22.20 -13.35
N ALA A 85 -10.50 22.49 -12.04
CA ALA A 85 -9.32 22.30 -11.19
C ALA A 85 -9.66 21.60 -9.89
N ILE A 86 -8.78 20.68 -9.51
CA ILE A 86 -8.80 19.98 -8.24
C ILE A 86 -7.59 20.45 -7.44
N VAL A 87 -7.76 20.70 -6.13
CA VAL A 87 -6.61 20.98 -5.25
C VAL A 87 -6.56 19.94 -4.13
N LYS A 88 -5.40 19.31 -3.97
CA LYS A 88 -5.20 18.21 -3.03
C LYS A 88 -3.91 18.39 -2.23
N GLY A 89 -3.93 18.09 -0.94
CA GLY A 89 -2.69 18.10 -0.16
C GLY A 89 -1.86 16.83 -0.34
N LEU A 90 -0.54 16.97 -0.25
CA LEU A 90 0.37 15.82 -0.32
C LEU A 90 1.40 15.87 0.78
N ARG A 91 1.69 14.70 1.36
CA ARG A 91 2.68 14.61 2.42
C ARG A 91 4.01 14.02 1.95
N THR A 92 3.95 12.99 1.11
CA THR A 92 5.19 12.28 0.73
C THR A 92 5.33 12.05 -0.77
N GLY A 93 6.52 11.62 -1.16
CA GLY A 93 6.78 11.23 -2.54
C GLY A 93 5.90 10.06 -2.94
N THR A 94 5.63 9.17 -1.99
CA THR A 94 4.73 8.03 -2.21
C THR A 94 3.33 8.52 -2.54
N ASP A 95 2.82 9.48 -1.75
CA ASP A 95 1.56 10.15 -2.05
C ASP A 95 1.56 10.69 -3.48
N PHE A 96 2.66 11.33 -3.86
CA PHE A 96 2.69 11.97 -5.17
C PHE A 96 2.59 10.97 -6.31
N GLU A 97 3.27 9.83 -6.18
CA GLU A 97 3.24 8.81 -7.24
C GLU A 97 1.82 8.26 -7.44
N TYR A 98 1.12 7.97 -6.35
CA TYR A 98 -0.25 7.47 -6.45
C TYR A 98 -1.23 8.51 -6.96
N GLU A 99 -1.17 9.71 -6.39
CA GLU A 99 -2.06 10.78 -6.80
C GLU A 99 -1.77 11.22 -8.22
N LEU A 100 -0.52 11.08 -8.64
CA LEU A 100 -0.10 11.37 -10.00
C LEU A 100 -0.93 10.57 -10.99
N GLN A 101 -1.07 9.28 -10.75
CA GLN A 101 -1.81 8.38 -11.64
CA GLN A 101 -1.78 8.45 -11.70
C GLN A 101 -3.24 8.88 -11.79
N MET A 102 -3.87 9.18 -10.66
CA MET A 102 -5.25 9.65 -10.70
C MET A 102 -5.40 11.02 -11.38
N ALA A 103 -4.42 11.91 -11.17
CA ALA A 103 -4.45 13.22 -11.79
C ALA A 103 -4.29 13.11 -13.31
N GLN A 104 -3.42 12.22 -13.76
CA GLN A 104 -3.24 12.08 -15.20
C GLN A 104 -4.45 11.42 -15.83
N MET A 105 -5.05 10.48 -15.12
CA MET A 105 -6.28 9.88 -15.63
C MET A 105 -7.41 10.92 -15.73
N ASN A 106 -7.53 11.75 -14.70
CA ASN A 106 -8.59 12.76 -14.68
C ASN A 106 -8.43 13.81 -15.76
N LYS A 107 -7.18 14.16 -16.05
N LYS A 107 -7.18 14.15 -16.07
CA LYS A 107 -6.88 15.07 -17.15
CA LYS A 107 -6.91 15.08 -17.16
C LYS A 107 -7.24 14.41 -18.48
C LYS A 107 -7.24 14.41 -18.49
N HIS A 108 -6.90 13.12 -18.60
CA HIS A 108 -7.17 12.36 -19.81
C HIS A 108 -8.66 12.27 -20.13
N ILE A 109 -9.48 11.95 -19.13
CA ILE A 109 -10.88 11.63 -19.41
C ILE A 109 -11.77 12.87 -19.42
N ALA A 110 -11.33 13.96 -18.79
CA ALA A 110 -12.21 15.12 -18.61
C ALA A 110 -11.55 16.49 -18.74
N GLY A 111 -10.24 16.52 -18.94
CA GLY A 111 -9.57 17.80 -19.10
C GLY A 111 -9.40 18.57 -17.80
N VAL A 112 -9.66 17.90 -16.69
CA VAL A 112 -9.57 18.54 -15.38
C VAL A 112 -8.14 18.49 -14.84
N ASP A 113 -7.64 19.64 -14.39
CA ASP A 113 -6.27 19.75 -13.87
C ASP A 113 -6.24 19.50 -12.37
N THR A 114 -5.10 19.07 -11.86
CA THR A 114 -4.95 18.89 -10.42
C THR A 114 -3.75 19.66 -9.93
N PHE A 115 -3.96 20.47 -8.89
CA PHE A 115 -2.86 21.17 -8.24
C PHE A 115 -2.61 20.58 -6.87
N PHE A 116 -1.37 20.23 -6.59
CA PHE A 116 -1.03 19.66 -5.29
C PHE A 116 -0.34 20.69 -4.44
N VAL A 117 -0.60 20.60 -3.14
CA VAL A 117 0.08 21.49 -2.21
CA VAL A 117 0.00 21.49 -2.16
C VAL A 117 0.72 20.66 -1.10
N ALA A 118 1.91 21.09 -0.71
CA ALA A 118 2.65 20.40 0.33
C ALA A 118 1.97 20.65 1.66
N THR A 119 1.73 19.58 2.40
CA THR A 119 1.24 19.66 3.76
C THR A 119 2.02 20.68 4.60
N ALA A 120 1.35 21.35 5.55
CA ALA A 120 2.08 22.09 6.59
C ALA A 120 2.87 21.08 7.41
N PRO A 121 4.10 21.43 7.80
CA PRO A 121 4.95 20.50 8.55
C PRO A 121 4.28 19.92 9.79
N ALA A 122 3.56 20.74 10.55
CA ALA A 122 2.99 20.32 11.85
C ALA A 122 1.96 19.20 11.72
N TYR A 123 1.31 19.13 10.57
CA TYR A 123 0.25 18.17 10.34
C TYR A 123 0.67 17.05 9.40
N SER A 124 1.96 16.92 9.18
CA SER A 124 2.45 15.99 8.17
C SER A 124 2.16 14.53 8.52
N PHE A 125 1.85 14.26 9.79
CA PHE A 125 1.66 12.88 10.21
C PHE A 125 0.21 12.57 10.56
N VAL A 126 -0.68 13.55 10.45
CA VAL A 126 -2.07 13.30 10.74
C VAL A 126 -2.78 12.84 9.47
N SER A 127 -3.57 11.80 9.64
CA SER A 127 -4.51 11.38 8.61
C SER A 127 -5.81 11.03 9.33
N SER A 128 -6.92 11.08 8.60
CA SER A 128 -8.19 10.67 9.20
C SER A 128 -8.10 9.25 9.76
N SER A 129 -7.51 8.34 8.99
CA SER A 129 -7.45 6.94 9.40
CA SER A 129 -7.44 6.94 9.40
C SER A 129 -6.57 6.73 10.64
N LEU A 130 -5.41 7.38 10.68
CA LEU A 130 -4.52 7.20 11.83
C LEU A 130 -5.09 7.88 13.07
N ALA A 131 -5.76 9.01 12.89
CA ALA A 131 -6.37 9.66 14.04
C ALA A 131 -7.48 8.79 14.63
N LYS A 132 -8.29 8.17 13.77
CA LYS A 132 -9.34 7.26 14.23
C LYS A 132 -8.74 6.05 14.94
N GLU A 133 -7.67 5.49 14.38
CA GLU A 133 -7.06 4.30 14.96
C GLU A 133 -6.45 4.61 16.32
N VAL A 134 -5.74 5.74 16.41
CA VAL A 134 -5.13 6.09 17.67
C VAL A 134 -6.20 6.37 18.72
N ALA A 135 -7.24 7.10 18.32
CA ALA A 135 -8.30 7.45 19.27
C ALA A 135 -9.04 6.20 19.73
N THR A 136 -9.16 5.21 18.85
CA THR A 136 -9.87 3.97 19.16
C THR A 136 -9.22 3.29 20.37
N TYR A 137 -7.89 3.37 20.43
CA TYR A 137 -7.18 2.73 21.52
C TYR A 137 -6.76 3.71 22.60
N GLY A 138 -7.43 4.85 22.65
CA GLY A 138 -7.26 5.80 23.74
C GLY A 138 -6.18 6.86 23.64
N GLY A 139 -5.48 6.94 22.52
CA GLY A 139 -4.43 7.94 22.37
C GLY A 139 -4.97 9.35 22.21
N ASP A 140 -4.19 10.34 22.65
CA ASP A 140 -4.62 11.73 22.66
C ASP A 140 -4.40 12.42 21.32
N VAL A 141 -5.49 12.67 20.59
CA VAL A 141 -5.41 13.31 19.27
C VAL A 141 -6.05 14.69 19.24
N SER A 142 -6.21 15.31 20.40
CA SER A 142 -6.90 16.60 20.49
C SER A 142 -6.21 17.72 19.69
N ALA A 143 -4.90 17.60 19.46
CA ALA A 143 -4.18 18.68 18.79
C ALA A 143 -4.15 18.52 17.27
N LEU A 144 -4.75 17.46 16.75
CA LEU A 144 -4.64 17.14 15.34
C LEU A 144 -5.94 17.38 14.59
N LEU A 145 -7.00 17.61 15.35
CA LEU A 145 -8.33 17.76 14.82
C LEU A 145 -8.91 19.06 15.30
N PRO A 146 -9.76 19.69 14.47
CA PRO A 146 -10.43 20.90 14.93
C PRO A 146 -11.34 20.59 16.10
N ALA A 147 -11.72 21.63 16.82
CA ALA A 147 -12.66 21.49 17.92
C ALA A 147 -13.99 20.90 17.46
N SER A 148 -14.36 21.17 16.20
CA SER A 148 -15.63 20.67 15.68
C SER A 148 -15.64 19.15 15.51
N VAL A 149 -14.49 18.53 15.67
CA VAL A 149 -14.35 17.09 15.43
C VAL A 149 -14.05 16.26 16.68
N HIS A 150 -13.15 16.75 17.53
CA HIS A 150 -12.51 15.87 18.51
C HIS A 150 -13.48 15.15 19.44
N GLN A 151 -14.35 15.92 20.09
CA GLN A 151 -15.25 15.31 21.04
C GLN A 151 -16.36 14.51 20.34
N ARG A 152 -16.75 14.91 19.13
CA ARG A 152 -17.68 14.07 18.36
C ARG A 152 -17.07 12.72 17.99
N LEU A 153 -15.78 12.72 17.69
CA LEU A 153 -15.06 11.47 17.46
C LEU A 153 -15.05 10.58 18.69
N LEU A 154 -14.73 11.17 19.84
CA LEU A 154 -14.68 10.37 21.06
C LEU A 154 -16.08 9.82 21.35
N GLY A 155 -17.10 10.61 21.07
CA GLY A 155 -18.48 10.19 21.22
C GLY A 155 -18.83 9.00 20.35
N LYS A 156 -18.43 9.05 19.07
CA LYS A 156 -18.64 7.91 18.18
C LYS A 156 -17.99 6.65 18.72
N LEU A 157 -16.77 6.80 19.25
CA LEU A 157 -16.00 5.67 19.70
C LEU A 157 -16.59 5.09 20.98
N ARG A 158 -17.18 5.95 21.80
CA ARG A 158 -17.85 5.48 23.02
C ARG A 158 -19.34 5.26 22.79
N MET B 2 19.79 3.19 33.33
CA MET B 2 19.18 2.04 32.69
C MET B 2 18.44 2.43 31.40
N THR B 3 19.03 2.09 30.26
CA THR B 3 18.41 2.38 28.97
C THR B 3 17.59 1.18 28.51
N GLY B 4 16.67 1.42 27.58
CA GLY B 4 15.85 0.32 27.09
C GLY B 4 15.00 0.68 25.90
N ALA B 5 14.58 -0.36 25.19
CA ALA B 5 13.74 -0.18 24.02
C ALA B 5 12.80 -1.37 23.81
N VAL B 6 11.69 -1.09 23.15
CA VAL B 6 10.70 -2.11 22.78
C VAL B 6 10.77 -2.39 21.28
N CYS B 7 10.80 -3.66 20.92
CA CYS B 7 10.77 -4.06 19.51
CA CYS B 7 10.79 -4.08 19.51
C CYS B 7 9.45 -4.75 19.22
N PRO B 8 8.51 -4.03 18.60
CA PRO B 8 7.14 -4.52 18.42
C PRO B 8 6.90 -5.21 17.08
N GLY B 9 5.93 -6.11 17.06
CA GLY B 9 5.55 -6.71 15.80
C GLY B 9 4.61 -7.87 16.00
N SER B 10 4.08 -8.40 14.89
CA SER B 10 3.29 -9.62 14.98
C SER B 10 4.17 -10.87 14.98
N PHE B 11 5.32 -10.83 14.29
CA PHE B 11 6.27 -11.94 14.24
C PHE B 11 5.60 -13.30 14.01
N ASP B 12 4.95 -13.43 12.86
CA ASP B 12 4.09 -14.58 12.54
C ASP B 12 4.53 -15.28 11.25
N PRO B 13 5.69 -15.95 11.25
CA PRO B 13 6.63 -16.13 12.37
C PRO B 13 7.81 -15.16 12.32
N VAL B 14 8.61 -15.19 13.38
CA VAL B 14 9.85 -14.42 13.42
C VAL B 14 10.76 -14.89 12.28
N THR B 15 11.40 -13.93 11.61
CA THR B 15 12.34 -14.23 10.53
C THR B 15 13.77 -13.88 10.95
N LEU B 16 14.73 -14.26 10.12
CA LEU B 16 16.12 -13.88 10.41
C LEU B 16 16.33 -12.37 10.33
N GLY B 17 15.46 -11.69 9.57
CA GLY B 17 15.48 -10.23 9.53
C GLY B 17 15.12 -9.64 10.88
N HIS B 18 14.05 -10.16 11.49
CA HIS B 18 13.68 -9.73 12.82
C HIS B 18 14.78 -9.99 13.84
N LEU B 19 15.34 -11.20 13.78
CA LEU B 19 16.37 -11.59 14.74
CA LEU B 19 16.40 -11.61 14.71
C LEU B 19 17.58 -10.65 14.64
N ASP B 20 17.92 -10.26 13.43
CA ASP B 20 19.04 -9.33 13.24
C ASP B 20 18.75 -8.03 13.98
N VAL B 21 17.51 -7.53 13.87
CA VAL B 21 17.12 -6.32 14.58
C VAL B 21 17.20 -6.52 16.10
N PHE B 22 16.68 -7.64 16.59
CA PHE B 22 16.73 -7.91 18.02
C PHE B 22 18.17 -7.88 18.53
N GLU B 23 19.07 -8.51 17.79
CA GLU B 23 20.47 -8.61 18.19
C GLU B 23 21.11 -7.25 18.25
N ARG B 24 20.80 -6.41 17.27
CA ARG B 24 21.40 -5.11 17.21
C ARG B 24 20.82 -4.19 18.31
N ALA B 25 19.53 -4.33 18.61
CA ALA B 25 18.97 -3.58 19.71
C ALA B 25 19.56 -4.03 21.05
N ALA B 26 19.68 -5.34 21.25
CA ALA B 26 20.19 -5.87 22.52
C ALA B 26 21.64 -5.47 22.75
N ALA B 27 22.37 -5.22 21.66
CA ALA B 27 23.76 -4.79 21.77
C ALA B 27 23.90 -3.34 22.20
N GLN B 28 22.86 -2.54 22.03
CA GLN B 28 22.97 -1.10 22.23
C GLN B 28 22.12 -0.54 23.37
N PHE B 29 21.18 -1.32 23.88
CA PHE B 29 20.31 -0.89 25.00
C PHE B 29 20.47 -1.85 26.18
N ASP B 30 20.32 -1.37 27.41
CA ASP B 30 20.54 -2.25 28.56
C ASP B 30 19.47 -3.32 28.63
N GLU B 31 18.26 -2.97 28.19
CA GLU B 31 17.12 -3.88 28.21
C GLU B 31 16.34 -3.76 26.89
N VAL B 32 15.95 -4.88 26.31
CA VAL B 32 15.06 -4.88 25.15
C VAL B 32 13.86 -5.77 25.47
N ILE B 33 12.67 -5.26 25.15
CA ILE B 33 11.46 -6.05 25.24
C ILE B 33 10.91 -6.25 23.85
N VAL B 34 10.79 -7.50 23.43
CA VAL B 34 10.10 -7.79 22.18
C VAL B 34 8.63 -7.89 22.49
N ALA B 35 7.81 -7.07 21.84
CA ALA B 35 6.39 -7.06 22.11
C ALA B 35 5.63 -7.75 20.97
N VAL B 36 4.99 -8.87 21.28
CA VAL B 36 4.30 -9.70 20.29
C VAL B 36 2.83 -9.34 20.31
N LEU B 37 2.34 -8.81 19.20
CA LEU B 37 0.97 -8.30 19.14
C LEU B 37 -0.07 -9.41 19.22
N ILE B 38 -1.03 -9.25 20.12
CA ILE B 38 -2.22 -10.09 20.09
C ILE B 38 -3.28 -9.28 19.32
N ASN B 39 -3.72 -9.81 18.18
CA ASN B 39 -4.71 -9.11 17.38
C ASN B 39 -6.02 -9.87 17.33
N PRO B 40 -7.02 -9.40 18.09
CA PRO B 40 -8.37 -9.96 18.27
C PRO B 40 -9.06 -10.27 16.94
N ASN B 41 -8.91 -9.38 15.97
CA ASN B 41 -9.54 -9.56 14.67
C ASN B 41 -8.79 -10.56 13.79
N LYS B 42 -7.91 -10.05 12.93
CA LYS B 42 -7.15 -10.88 12.00
C LYS B 42 -6.18 -11.81 12.72
N ALA B 43 -6.52 -13.09 12.76
CA ALA B 43 -5.62 -14.09 13.32
C ALA B 43 -4.62 -14.52 12.25
N GLY B 44 -3.51 -15.12 12.68
CA GLY B 44 -2.48 -15.55 11.76
C GLY B 44 -2.27 -17.05 11.79
N MET B 45 -1.07 -17.46 11.40
CA MET B 45 -0.74 -18.87 11.32
C MET B 45 -0.40 -19.45 12.69
N PHE B 46 0.30 -18.67 13.50
CA PHE B 46 0.77 -19.14 14.80
C PHE B 46 0.08 -18.42 15.95
N THR B 47 -0.19 -19.14 17.04
CA THR B 47 -0.78 -18.52 18.23
C THR B 47 0.25 -17.60 18.86
N VAL B 48 -0.19 -16.69 19.72
CA VAL B 48 0.75 -15.79 20.40
C VAL B 48 1.78 -16.57 21.20
N ASP B 49 1.34 -17.63 21.88
CA ASP B 49 2.28 -18.42 22.67
C ASP B 49 3.31 -19.11 21.80
N GLU B 50 2.88 -19.61 20.64
CA GLU B 50 3.79 -20.22 19.69
C GLU B 50 4.81 -19.19 19.19
N ARG B 51 4.32 -17.99 18.87
CA ARG B 51 5.20 -16.93 18.38
CA ARG B 51 5.20 -16.93 18.38
C ARG B 51 6.24 -16.53 19.42
N ILE B 52 5.80 -16.41 20.69
CA ILE B 52 6.69 -16.08 21.79
C ILE B 52 7.76 -17.15 21.97
N GLU B 53 7.34 -18.42 21.89
CA GLU B 53 8.30 -19.50 22.07
C GLU B 53 9.34 -19.55 20.96
N MET B 54 8.91 -19.29 19.73
CA MET B 54 9.84 -19.25 18.61
C MET B 54 10.86 -18.13 18.78
N ILE B 55 10.40 -16.97 19.25
CA ILE B 55 11.34 -15.87 19.49
C ILE B 55 12.29 -16.19 20.64
N ARG B 56 11.77 -16.77 21.71
CA ARG B 56 12.62 -17.12 22.85
C ARG B 56 13.69 -18.12 22.47
N GLU B 57 13.36 -19.09 21.62
CA GLU B 57 14.36 -20.04 21.22
C GLU B 57 15.43 -19.35 20.37
N SER B 58 15.02 -18.44 19.51
CA SER B 58 15.97 -17.79 18.60
CA SER B 58 15.97 -17.79 18.61
C SER B 58 16.82 -16.73 19.29
N THR B 59 16.37 -16.23 20.44
CA THR B 59 17.09 -15.20 21.19
C THR B 59 17.71 -15.70 22.50
N ALA B 60 17.92 -17.00 22.58
CA ALA B 60 18.45 -17.60 23.80
C ALA B 60 19.78 -17.02 24.27
N ASP B 61 20.60 -16.51 23.34
CA ASP B 61 21.87 -15.95 23.77
CA ASP B 61 21.90 -15.92 23.65
C ASP B 61 21.83 -14.43 23.99
N LEU B 62 20.63 -13.88 24.10
CA LEU B 62 20.47 -12.46 24.41
C LEU B 62 19.89 -12.26 25.81
N PRO B 63 20.76 -12.17 26.82
CA PRO B 63 20.25 -12.21 28.20
C PRO B 63 19.45 -10.98 28.60
N ASN B 64 19.68 -9.85 27.93
CA ASN B 64 19.01 -8.60 28.27
C ASN B 64 17.76 -8.36 27.43
N LEU B 65 17.33 -9.38 26.69
CA LEU B 65 16.13 -9.29 25.88
C LEU B 65 15.07 -10.23 26.43
N ARG B 66 13.87 -9.72 26.60
CA ARG B 66 12.76 -10.59 27.01
C ARG B 66 11.59 -10.40 26.07
N VAL B 67 10.71 -11.40 26.07
CA VAL B 67 9.60 -11.47 25.12
C VAL B 67 8.27 -11.48 25.86
N GLU B 68 7.34 -10.61 25.45
CA GLU B 68 6.03 -10.49 26.08
C GLU B 68 4.96 -10.22 25.04
N SER B 69 3.73 -10.61 25.33
CA SER B 69 2.61 -10.26 24.47
C SER B 69 2.08 -8.89 24.82
N GLY B 70 1.47 -8.24 23.84
CA GLY B 70 0.95 -6.91 24.04
C GLY B 70 -0.29 -6.70 23.19
N GLN B 71 -1.09 -5.74 23.59
CA GLN B 71 -2.36 -5.44 22.94
C GLN B 71 -2.61 -3.94 22.98
N GLY B 72 -3.34 -3.43 21.99
CA GLY B 72 -3.81 -2.05 22.03
C GLY B 72 -2.75 -1.06 21.59
N LEU B 73 -2.75 0.11 22.24
CA LEU B 73 -1.86 1.20 21.89
C LEU B 73 -0.40 0.91 22.27
N LEU B 74 0.49 0.88 21.27
CA LEU B 74 1.88 0.52 21.54
C LEU B 74 2.53 1.44 22.57
N VAL B 75 2.29 2.74 22.51
CA VAL B 75 2.98 3.65 23.41
C VAL B 75 2.53 3.43 24.86
N ASP B 76 1.34 2.88 25.06
CA ASP B 76 0.93 2.50 26.42
C ASP B 76 1.77 1.34 26.93
N PHE B 77 1.95 0.34 26.08
CA PHE B 77 2.81 -0.81 26.40
C PHE B 77 4.20 -0.32 26.80
N VAL B 78 4.74 0.62 26.03
CA VAL B 78 6.11 1.08 26.24
C VAL B 78 6.22 1.82 27.56
N ARG B 79 5.33 2.79 27.77
CA ARG B 79 5.39 3.61 28.96
C ARG B 79 5.07 2.83 30.23
N GLU B 80 4.22 1.81 30.12
CA GLU B 80 3.86 0.98 31.28
C GLU B 80 5.08 0.24 31.82
N ARG B 81 6.09 0.05 30.98
CA ARG B 81 7.27 -0.70 31.36
C ARG B 81 8.46 0.22 31.66
N GLY B 82 8.14 1.50 31.83
CA GLY B 82 9.11 2.49 32.23
C GLY B 82 10.09 2.87 31.14
N LEU B 83 9.70 2.61 29.89
CA LEU B 83 10.57 2.87 28.75
C LEU B 83 9.97 3.98 27.89
N ASN B 84 10.75 4.50 26.95
CA ASN B 84 10.18 5.48 26.02
CA ASN B 84 10.34 5.60 26.10
C ASN B 84 10.92 5.51 24.69
N ALA B 85 11.29 4.30 24.26
CA ALA B 85 11.91 4.09 22.96
C ALA B 85 11.41 2.80 22.31
N ILE B 86 11.16 2.90 21.01
CA ILE B 86 10.81 1.79 20.14
C ILE B 86 11.94 1.57 19.15
N VAL B 87 12.29 0.31 18.84
CA VAL B 87 13.27 0.01 17.80
CA VAL B 87 13.25 0.04 17.78
C VAL B 87 12.63 -0.87 16.74
N LYS B 88 12.73 -0.45 15.48
CA LYS B 88 12.14 -1.18 14.36
C LYS B 88 13.13 -1.32 13.21
N GLY B 89 13.04 -2.42 12.48
CA GLY B 89 13.85 -2.54 11.28
C GLY B 89 13.16 -1.96 10.06
N LEU B 90 13.97 -1.43 9.14
CA LEU B 90 13.44 -0.86 7.89
C LEU B 90 14.14 -1.48 6.68
N ARG B 91 13.38 -1.75 5.62
CA ARG B 91 13.97 -2.28 4.39
C ARG B 91 14.06 -1.25 3.26
N THR B 92 13.01 -0.43 3.11
CA THR B 92 12.93 0.46 1.95
C THR B 92 12.56 1.88 2.30
N GLY B 93 12.72 2.77 1.34
CA GLY B 93 12.29 4.14 1.47
C GLY B 93 10.80 4.26 1.72
N THR B 94 10.00 3.42 1.06
N THR B 94 10.02 3.42 1.04
CA THR B 94 8.55 3.48 1.27
CA THR B 94 8.57 3.41 1.23
C THR B 94 8.17 2.95 2.66
C THR B 94 8.25 3.02 2.66
N ASP B 95 8.96 2.03 3.20
CA ASP B 95 8.81 1.62 4.60
C ASP B 95 9.02 2.82 5.51
N PHE B 96 10.07 3.58 5.23
CA PHE B 96 10.41 4.71 6.07
C PHE B 96 9.25 5.71 6.11
N GLU B 97 8.61 5.95 4.97
CA GLU B 97 7.55 6.98 4.88
C GLU B 97 6.34 6.64 5.74
N TYR B 98 5.88 5.40 5.66
CA TYR B 98 4.75 4.98 6.50
C TYR B 98 5.14 4.90 7.97
N GLU B 99 6.32 4.35 8.23
CA GLU B 99 6.79 4.26 9.60
C GLU B 99 7.08 5.63 10.19
N LEU B 100 7.48 6.58 9.34
CA LEU B 100 7.78 7.92 9.85
C LEU B 100 6.50 8.56 10.38
N GLN B 101 5.39 8.36 9.68
CA GLN B 101 4.10 8.89 10.12
C GLN B 101 3.78 8.35 11.52
N MET B 102 3.89 7.04 11.68
CA MET B 102 3.66 6.38 12.96
CA MET B 102 3.60 6.42 12.97
C MET B 102 4.60 6.86 14.05
N ALA B 103 5.87 7.04 13.69
CA ALA B 103 6.85 7.48 14.69
C ALA B 103 6.55 8.89 15.17
N GLN B 104 6.17 9.77 14.25
CA GLN B 104 5.87 11.13 14.64
C GLN B 104 4.59 11.17 15.47
N MET B 105 3.64 10.33 15.11
CA MET B 105 2.40 10.23 15.88
C MET B 105 2.67 9.73 17.30
N ASN B 106 3.51 8.71 17.42
CA ASN B 106 3.83 8.15 18.73
C ASN B 106 4.60 9.12 19.60
N LYS B 107 5.46 9.94 18.99
CA LYS B 107 6.20 10.92 19.75
C LYS B 107 5.25 12.04 20.21
N HIS B 108 4.28 12.38 19.35
CA HIS B 108 3.35 13.46 19.66
C HIS B 108 2.41 13.09 20.79
N ILE B 109 1.86 11.88 20.75
CA ILE B 109 0.84 11.50 21.71
C ILE B 109 1.40 11.00 23.04
N ALA B 110 2.68 10.63 23.10
CA ALA B 110 3.17 10.00 24.34
C ALA B 110 4.64 10.25 24.64
N GLY B 111 5.33 11.00 23.78
CA GLY B 111 6.73 11.32 24.01
C GLY B 111 7.64 10.12 23.83
N VAL B 112 7.16 9.10 23.16
CA VAL B 112 7.94 7.89 22.93
C VAL B 112 8.66 8.01 21.60
N ASP B 113 9.97 7.80 21.61
CA ASP B 113 10.80 7.93 20.42
C ASP B 113 10.95 6.61 19.68
N THR B 114 11.33 6.68 18.40
CA THR B 114 11.51 5.47 17.59
C THR B 114 12.86 5.52 16.91
N PHE B 115 13.62 4.44 17.03
CA PHE B 115 14.89 4.29 16.33
C PHE B 115 14.75 3.22 15.30
N PHE B 116 15.17 3.53 14.08
CA PHE B 116 15.08 2.57 12.99
C PHE B 116 16.44 2.03 12.65
N VAL B 117 16.50 0.74 12.32
CA VAL B 117 17.76 0.21 11.82
C VAL B 117 17.56 -0.40 10.46
N ALA B 118 18.56 -0.21 9.60
CA ALA B 118 18.51 -0.77 8.27
C ALA B 118 18.71 -2.28 8.32
N THR B 119 17.86 -2.97 7.60
CA THR B 119 18.00 -4.40 7.39
C THR B 119 19.44 -4.83 7.02
N ALA B 120 19.88 -5.99 7.48
CA ALA B 120 21.10 -6.57 6.92
C ALA B 120 20.79 -6.86 5.46
N PRO B 121 21.75 -6.65 4.56
CA PRO B 121 21.50 -6.85 3.14
C PRO B 121 20.90 -8.21 2.81
N ALA B 122 21.37 -9.27 3.45
CA ALA B 122 20.94 -10.62 3.14
C ALA B 122 19.44 -10.83 3.40
N TYR B 123 18.83 -10.02 4.26
CA TYR B 123 17.42 -10.22 4.61
C TYR B 123 16.50 -9.14 4.11
N SER B 124 16.99 -8.37 3.15
CA SER B 124 16.24 -7.21 2.67
C SER B 124 14.91 -7.63 2.03
N PHE B 125 14.83 -8.90 1.61
CA PHE B 125 13.66 -9.35 0.87
C PHE B 125 12.80 -10.32 1.67
N VAL B 126 13.18 -10.64 2.90
CA VAL B 126 12.36 -11.58 3.67
CA VAL B 126 12.34 -11.57 3.64
C VAL B 126 11.34 -10.83 4.51
N SER B 127 10.13 -11.37 4.57
CA SER B 127 9.08 -10.87 5.45
C SER B 127 8.32 -12.11 5.91
N SER B 128 7.60 -11.96 7.01
CA SER B 128 6.80 -13.07 7.51
C SER B 128 5.78 -13.50 6.47
N SER B 129 5.12 -12.52 5.84
CA SER B 129 4.06 -12.80 4.89
CA SER B 129 4.05 -12.82 4.90
C SER B 129 4.57 -13.52 3.65
N LEU B 130 5.65 -13.02 3.07
CA LEU B 130 6.17 -13.62 1.86
C LEU B 130 6.77 -14.99 2.13
N ALA B 131 7.39 -15.17 3.29
CA ALA B 131 7.95 -16.46 3.66
C ALA B 131 6.84 -17.52 3.75
N LYS B 132 5.73 -17.15 4.37
CA LYS B 132 4.61 -18.10 4.54
C LYS B 132 4.05 -18.46 3.18
N GLU B 133 3.89 -17.46 2.31
CA GLU B 133 3.30 -17.67 0.99
C GLU B 133 4.17 -18.60 0.15
N VAL B 134 5.46 -18.33 0.13
CA VAL B 134 6.39 -19.16 -0.60
C VAL B 134 6.38 -20.59 -0.06
N ALA B 135 6.40 -20.73 1.26
CA ALA B 135 6.41 -22.05 1.89
C ALA B 135 5.11 -22.81 1.62
N THR B 136 4.00 -22.09 1.54
CA THR B 136 2.69 -22.73 1.33
C THR B 136 2.68 -23.49 0.01
N TYR B 137 3.34 -22.92 -1.00
CA TYR B 137 3.37 -23.54 -2.32
C TYR B 137 4.64 -24.35 -2.56
N GLY B 138 5.36 -24.65 -1.49
CA GLY B 138 6.47 -25.58 -1.57
C GLY B 138 7.86 -24.99 -1.77
N GLY B 139 7.98 -23.67 -1.79
CA GLY B 139 9.28 -23.03 -1.92
C GLY B 139 10.09 -23.20 -0.65
N ASP B 140 11.42 -23.24 -0.80
CA ASP B 140 12.31 -23.45 0.34
C ASP B 140 12.79 -22.14 0.96
N VAL B 141 12.28 -21.84 2.14
CA VAL B 141 12.61 -20.60 2.84
C VAL B 141 13.50 -20.84 4.06
N SER B 142 14.15 -22.00 4.10
CA SER B 142 14.90 -22.40 5.29
C SER B 142 16.10 -21.51 5.60
N ALA B 143 16.65 -20.84 4.58
CA ALA B 143 17.79 -19.95 4.81
C ALA B 143 17.37 -18.57 5.30
N LEU B 144 16.06 -18.37 5.47
CA LEU B 144 15.51 -17.05 5.79
C LEU B 144 14.88 -17.01 7.18
N LEU B 145 14.78 -18.17 7.79
CA LEU B 145 14.12 -18.33 9.08
C LEU B 145 15.04 -19.02 10.06
N PRO B 146 14.88 -18.75 11.36
CA PRO B 146 15.59 -19.53 12.37
C PRO B 146 15.25 -21.03 12.22
N ALA B 147 16.18 -21.91 12.58
CA ALA B 147 16.02 -23.35 12.38
C ALA B 147 14.71 -23.92 12.94
N SER B 148 14.37 -23.50 14.14
CA SER B 148 13.18 -23.99 14.83
C SER B 148 11.89 -23.56 14.17
N VAL B 149 11.85 -22.28 13.78
CA VAL B 149 10.70 -21.75 13.05
C VAL B 149 10.40 -22.62 11.85
N HIS B 150 11.45 -22.97 11.12
CA HIS B 150 11.29 -23.71 9.87
C HIS B 150 10.62 -25.08 10.11
N GLN B 151 11.03 -25.75 11.17
CA GLN B 151 10.43 -27.04 11.54
C GLN B 151 8.94 -26.89 11.91
N ARG B 152 8.63 -25.86 12.70
CA ARG B 152 7.25 -25.60 13.11
C ARG B 152 6.37 -25.17 11.93
N LEU B 153 6.97 -24.46 10.98
CA LEU B 153 6.26 -23.96 9.82
C LEU B 153 5.80 -25.10 8.93
N LEU B 154 6.69 -26.07 8.73
CA LEU B 154 6.36 -27.26 7.95
C LEU B 154 5.23 -28.03 8.62
N GLY B 155 5.22 -28.03 9.95
CA GLY B 155 4.18 -28.70 10.71
C GLY B 155 2.81 -28.11 10.47
N LYS B 156 2.72 -26.78 10.49
CA LYS B 156 1.46 -26.09 10.28
C LYS B 156 0.94 -26.30 8.87
N LEU B 157 1.84 -26.54 7.92
CA LEU B 157 1.48 -26.67 6.52
C LEU B 157 0.91 -28.05 6.17
N ARG B 158 1.30 -29.07 6.93
CA ARG B 158 0.81 -30.44 6.70
C ARG B 158 -0.69 -30.59 6.96
N SER C 1 18.55 -19.00 -30.11
CA SER C 1 19.32 -19.90 -29.27
C SER C 1 18.65 -20.08 -27.92
N MET C 2 17.35 -20.36 -27.97
CA MET C 2 16.57 -20.74 -26.80
C MET C 2 16.58 -19.71 -25.67
N THR C 3 16.50 -18.43 -25.99
CA THR C 3 16.24 -17.44 -24.95
C THR C 3 14.73 -17.33 -24.73
N GLY C 4 14.33 -16.92 -23.54
CA GLY C 4 12.92 -16.85 -23.27
C GLY C 4 12.59 -16.16 -21.98
N ALA C 5 11.40 -15.57 -21.91
CA ALA C 5 10.94 -14.95 -20.69
C ALA C 5 9.44 -15.12 -20.49
N VAL C 6 9.02 -15.03 -19.25
CA VAL C 6 7.63 -15.10 -18.86
C VAL C 6 7.15 -13.73 -18.39
N CYS C 7 6.01 -13.30 -18.90
CA CYS C 7 5.35 -12.06 -18.49
C CYS C 7 4.09 -12.38 -17.68
N PRO C 8 4.16 -12.22 -16.36
CA PRO C 8 3.08 -12.65 -15.48
C PRO C 8 2.11 -11.53 -15.11
N GLY C 9 0.88 -11.91 -14.79
CA GLY C 9 -0.09 -10.94 -14.29
C GLY C 9 -1.47 -11.53 -14.18
N SER C 10 -2.39 -10.76 -13.60
CA SER C 10 -3.79 -11.15 -13.59
C SER C 10 -4.47 -10.71 -14.89
N PHE C 11 -4.02 -9.59 -15.45
CA PHE C 11 -4.53 -9.05 -16.72
C PHE C 11 -6.06 -9.02 -16.80
N ASP C 12 -6.68 -8.28 -15.88
CA ASP C 12 -8.13 -8.30 -15.71
C ASP C 12 -8.76 -6.91 -15.90
N PRO C 13 -8.79 -6.38 -17.14
CA PRO C 13 -8.30 -6.96 -18.38
C PRO C 13 -6.90 -6.47 -18.73
N VAL C 14 -6.32 -7.09 -19.75
CA VAL C 14 -5.08 -6.59 -20.33
C VAL C 14 -5.28 -5.16 -20.83
N THR C 15 -4.30 -4.30 -20.57
CA THR C 15 -4.31 -2.92 -21.05
C THR C 15 -3.25 -2.69 -22.13
N LEU C 16 -3.26 -1.50 -22.73
CA LEU C 16 -2.23 -1.13 -23.68
C LEU C 16 -0.85 -1.04 -23.02
N GLY C 17 -0.83 -0.81 -21.71
CA GLY C 17 0.42 -0.80 -20.95
C GLY C 17 1.01 -2.20 -20.93
N HIS C 18 0.17 -3.19 -20.66
CA HIS C 18 0.63 -4.59 -20.69
C HIS C 18 1.08 -4.98 -22.08
N LEU C 19 0.27 -4.66 -23.09
CA LEU C 19 0.60 -5.04 -24.46
C LEU C 19 1.94 -4.45 -24.90
N ASP C 20 2.21 -3.22 -24.50
CA ASP C 20 3.50 -2.61 -24.77
C ASP C 20 4.65 -3.44 -24.18
N VAL C 21 4.48 -3.91 -22.96
CA VAL C 21 5.50 -4.74 -22.34
C VAL C 21 5.65 -6.07 -23.09
N PHE C 22 4.54 -6.69 -23.48
CA PHE C 22 4.60 -7.94 -24.23
C PHE C 22 5.39 -7.78 -25.53
N GLU C 23 5.15 -6.68 -26.22
CA GLU C 23 5.78 -6.41 -27.51
C GLU C 23 7.26 -6.21 -27.33
N ARG C 24 7.63 -5.53 -26.26
CA ARG C 24 9.03 -5.27 -25.97
CA ARG C 24 9.02 -5.26 -25.99
C ARG C 24 9.75 -6.53 -25.55
N ALA C 25 9.07 -7.38 -24.79
CA ALA C 25 9.66 -8.66 -24.40
C ALA C 25 9.83 -9.53 -25.65
N ALA C 26 8.79 -9.58 -26.48
CA ALA C 26 8.83 -10.41 -27.69
C ALA C 26 9.93 -9.98 -28.67
N ALA C 27 10.32 -8.71 -28.64
CA ALA C 27 11.36 -8.19 -29.52
C ALA C 27 12.77 -8.56 -29.05
N GLN C 28 12.91 -8.99 -27.79
CA GLN C 28 14.24 -9.16 -27.21
C GLN C 28 14.54 -10.58 -26.76
N PHE C 29 13.53 -11.42 -26.75
CA PHE C 29 13.66 -12.83 -26.36
C PHE C 29 13.06 -13.72 -27.44
N ASP C 30 13.65 -14.89 -27.66
CA ASP C 30 13.17 -15.80 -28.70
C ASP C 30 11.75 -16.29 -28.44
N GLU C 31 11.43 -16.49 -27.16
CA GLU C 31 10.16 -17.08 -26.74
C GLU C 31 9.59 -16.26 -25.59
N VAL C 32 8.33 -15.85 -25.70
CA VAL C 32 7.68 -15.19 -24.57
C VAL C 32 6.40 -15.95 -24.20
N ILE C 33 6.23 -16.21 -22.91
CA ILE C 33 4.99 -16.79 -22.41
C ILE C 33 4.32 -15.77 -21.49
N VAL C 34 3.09 -15.42 -21.82
CA VAL C 34 2.30 -14.61 -20.92
C VAL C 34 1.58 -15.55 -19.96
N ALA C 35 1.82 -15.35 -18.68
CA ALA C 35 1.27 -16.21 -17.64
C ALA C 35 0.10 -15.51 -16.96
N VAL C 36 -1.11 -16.05 -17.16
CA VAL C 36 -2.32 -15.47 -16.61
C VAL C 36 -2.71 -16.16 -15.33
N LEU C 37 -2.65 -15.43 -14.22
CA LEU C 37 -2.90 -16.00 -12.92
C LEU C 37 -4.35 -16.44 -12.73
N ILE C 38 -4.52 -17.67 -12.24
CA ILE C 38 -5.78 -18.15 -11.68
C ILE C 38 -5.70 -17.95 -10.16
N ASN C 39 -6.55 -17.08 -9.62
CA ASN C 39 -6.46 -16.75 -8.19
C ASN C 39 -7.80 -16.66 -7.49
N PRO C 40 -8.79 -17.44 -7.96
CA PRO C 40 -10.16 -17.48 -7.44
C PRO C 40 -10.21 -17.65 -5.93
N ALA C 43 -11.47 -12.56 -6.71
CA ALA C 43 -12.66 -12.04 -7.37
C ALA C 43 -12.31 -11.02 -8.44
N GLY C 44 -12.39 -11.43 -9.70
CA GLY C 44 -12.07 -10.55 -10.81
C GLY C 44 -13.29 -10.24 -11.65
N MET C 45 -13.10 -9.46 -12.71
CA MET C 45 -14.20 -9.13 -13.59
C MET C 45 -14.36 -10.16 -14.72
N PHE C 46 -13.23 -10.58 -15.28
CA PHE C 46 -13.24 -11.53 -16.40
C PHE C 46 -12.78 -12.91 -15.96
N THR C 47 -13.28 -13.95 -16.62
CA THR C 47 -12.82 -15.31 -16.32
C THR C 47 -11.43 -15.51 -16.89
N VAL C 48 -10.73 -16.52 -16.39
CA VAL C 48 -9.38 -16.78 -16.86
C VAL C 48 -9.40 -17.05 -18.36
N ASP C 49 -10.41 -17.77 -18.85
CA ASP C 49 -10.51 -18.02 -20.27
C ASP C 49 -10.71 -16.73 -21.06
N GLU C 50 -11.55 -15.84 -20.54
CA GLU C 50 -11.80 -14.55 -21.21
C GLU C 50 -10.53 -13.70 -21.25
N ARG C 51 -9.77 -13.72 -20.16
CA ARG C 51 -8.54 -12.94 -20.07
C ARG C 51 -7.50 -13.45 -21.07
N ILE C 52 -7.37 -14.78 -21.15
CA ILE C 52 -6.50 -15.40 -22.14
C ILE C 52 -6.90 -15.05 -23.57
N GLU C 53 -8.19 -15.12 -23.87
CA GLU C 53 -8.68 -14.79 -25.22
C GLU C 53 -8.37 -13.34 -25.61
N MET C 54 -8.59 -12.41 -24.68
CA MET C 54 -8.35 -10.99 -24.96
C MET C 54 -6.87 -10.74 -25.24
N ILE C 55 -6.00 -11.44 -24.53
CA ILE C 55 -4.57 -11.29 -24.76
C ILE C 55 -4.15 -11.92 -26.09
N ARG C 56 -4.68 -13.11 -26.39
CA ARG C 56 -4.37 -13.74 -27.66
C ARG C 56 -4.85 -12.87 -28.83
N GLU C 57 -6.04 -12.30 -28.71
CA GLU C 57 -6.56 -11.39 -29.74
C GLU C 57 -5.64 -10.19 -29.97
N SER C 58 -5.10 -9.66 -28.89
CA SER C 58 -4.29 -8.44 -28.95
C SER C 58 -2.84 -8.68 -29.35
N THR C 59 -2.42 -9.94 -29.36
CA THR C 59 -1.02 -10.28 -29.62
C THR C 59 -0.86 -11.13 -30.87
N ALA C 60 -1.81 -11.02 -31.80
CA ALA C 60 -1.80 -11.85 -33.00
C ALA C 60 -0.57 -11.60 -33.87
N ASP C 61 -0.03 -10.38 -33.79
CA ASP C 61 1.14 -10.01 -34.60
C ASP C 61 2.47 -10.35 -33.92
N LEU C 62 2.38 -11.06 -32.79
CA LEU C 62 3.59 -11.50 -32.08
C LEU C 62 3.75 -13.01 -32.17
N PRO C 63 4.45 -13.47 -33.22
CA PRO C 63 4.57 -14.89 -33.57
C PRO C 63 5.25 -15.72 -32.49
N ASN C 64 6.14 -15.10 -31.72
CA ASN C 64 6.89 -15.84 -30.70
C ASN C 64 6.30 -15.73 -29.30
N LEU C 65 5.04 -15.35 -29.20
CA LEU C 65 4.38 -15.21 -27.90
C LEU C 65 3.23 -16.18 -27.76
N ARG C 66 3.15 -16.87 -26.62
CA ARG C 66 1.96 -17.63 -26.30
C ARG C 66 1.41 -17.28 -24.92
N VAL C 67 0.17 -17.70 -24.68
CA VAL C 67 -0.56 -17.32 -23.48
C VAL C 67 -1.05 -18.57 -22.77
N GLU C 68 -0.74 -18.66 -21.48
CA GLU C 68 -1.11 -19.83 -20.68
C GLU C 68 -1.57 -19.38 -19.30
N SER C 69 -2.48 -20.14 -18.71
CA SER C 69 -2.90 -19.87 -17.35
C SER C 69 -1.96 -20.55 -16.37
N GLY C 70 -1.92 -20.03 -15.16
CA GLY C 70 -1.05 -20.61 -14.15
C GLY C 70 -1.55 -20.36 -12.75
N GLN C 71 -1.02 -21.14 -11.81
CA GLN C 71 -1.41 -21.09 -10.42
C GLN C 71 -0.18 -21.38 -9.56
N GLY C 72 -0.22 -21.01 -8.29
CA GLY C 72 0.87 -21.33 -7.39
C GLY C 72 2.08 -20.43 -7.56
N LEU C 73 3.26 -20.95 -7.26
CA LEU C 73 4.49 -20.18 -7.36
C LEU C 73 4.84 -19.84 -8.80
N LEU C 74 5.00 -18.55 -9.08
CA LEU C 74 5.44 -18.15 -10.39
C LEU C 74 6.74 -18.84 -10.84
N VAL C 75 7.70 -19.01 -9.92
CA VAL C 75 8.97 -19.59 -10.35
C VAL C 75 8.79 -21.05 -10.81
N ASP C 76 7.80 -21.76 -10.27
CA ASP C 76 7.54 -23.13 -10.75
C ASP C 76 6.97 -23.10 -12.17
N PHE C 77 6.08 -22.14 -12.45
CA PHE C 77 5.57 -21.95 -13.80
C PHE C 77 6.71 -21.71 -14.77
N VAL C 78 7.65 -20.85 -14.39
CA VAL C 78 8.74 -20.48 -15.27
C VAL C 78 9.68 -21.66 -15.50
N ARG C 79 10.07 -22.32 -14.41
CA ARG C 79 11.05 -23.40 -14.50
C ARG C 79 10.50 -24.65 -15.20
N GLU C 80 9.20 -24.92 -15.05
CA GLU C 80 8.62 -26.11 -15.68
C GLU C 80 8.51 -25.93 -17.19
N ARG C 81 8.74 -24.72 -17.67
CA ARG C 81 8.77 -24.45 -19.10
C ARG C 81 10.19 -24.26 -19.64
N GLY C 82 11.18 -24.58 -18.79
CA GLY C 82 12.57 -24.55 -19.16
C GLY C 82 13.21 -23.16 -19.19
N LEU C 83 12.54 -22.18 -18.58
CA LEU C 83 13.06 -20.82 -18.63
C LEU C 83 13.48 -20.38 -17.24
N ASN C 84 14.17 -19.24 -17.16
CA ASN C 84 14.48 -18.71 -15.83
C ASN C 84 14.56 -17.19 -15.86
N ALA C 85 13.68 -16.59 -16.64
CA ALA C 85 13.55 -15.14 -16.62
C ALA C 85 12.09 -14.70 -16.64
N ILE C 86 11.83 -13.65 -15.89
CA ILE C 86 10.54 -12.96 -15.81
C ILE C 86 10.72 -11.56 -16.33
N VAL C 87 9.77 -11.06 -17.12
CA VAL C 87 9.79 -9.67 -17.56
C VAL C 87 8.52 -8.96 -17.08
N LYS C 88 8.70 -7.83 -16.41
CA LYS C 88 7.62 -7.12 -15.73
C LYS C 88 7.73 -5.64 -16.04
N GLY C 89 6.60 -4.97 -16.28
CA GLY C 89 6.64 -3.53 -16.50
C GLY C 89 6.55 -2.75 -15.20
N LEU C 90 7.17 -1.57 -15.15
CA LEU C 90 7.21 -0.74 -13.93
C LEU C 90 6.90 0.71 -14.23
N ARG C 91 6.07 1.32 -13.39
CA ARG C 91 5.67 2.71 -13.58
C ARG C 91 6.41 3.67 -12.64
N THR C 92 6.57 3.26 -11.39
CA THR C 92 7.11 4.16 -10.38
C THR C 92 8.21 3.51 -9.53
N GLY C 93 8.92 4.35 -8.77
CA GLY C 93 9.92 3.88 -7.82
C GLY C 93 9.28 3.05 -6.72
N THR C 94 8.04 3.38 -6.35
CA THR C 94 7.30 2.60 -5.37
C THR C 94 7.08 1.18 -5.89
N ASP C 95 6.69 1.09 -7.16
CA ASP C 95 6.58 -0.20 -7.85
C ASP C 95 7.88 -0.98 -7.76
N PHE C 96 8.99 -0.30 -8.02
CA PHE C 96 10.27 -0.97 -8.02
C PHE C 96 10.58 -1.60 -6.66
N GLU C 97 10.32 -0.86 -5.58
CA GLU C 97 10.66 -1.35 -4.25
C GLU C 97 9.86 -2.60 -3.86
N TYR C 98 8.57 -2.62 -4.17
CA TYR C 98 7.74 -3.79 -3.90
C TYR C 98 8.14 -4.99 -4.77
N GLU C 99 8.33 -4.72 -6.06
CA GLU C 99 8.69 -5.78 -6.98
C GLU C 99 10.09 -6.27 -6.73
N LEU C 100 10.95 -5.40 -6.20
CA LEU C 100 12.32 -5.77 -5.86
C LEU C 100 12.34 -6.92 -4.87
N GLN C 101 11.49 -6.84 -3.85
CA GLN C 101 11.42 -7.88 -2.82
C GLN C 101 11.08 -9.21 -3.46
N MET C 102 10.06 -9.21 -4.33
CA MET C 102 9.63 -10.44 -4.98
C MET C 102 10.70 -10.97 -5.93
N ALA C 103 11.38 -10.06 -6.63
CA ALA C 103 12.44 -10.47 -7.55
C ALA C 103 13.57 -11.14 -6.79
N GLN C 104 13.99 -10.55 -5.67
CA GLN C 104 15.06 -11.15 -4.92
C GLN C 104 14.66 -12.48 -4.30
N MET C 105 13.41 -12.58 -3.86
CA MET C 105 12.92 -13.85 -3.32
C MET C 105 12.94 -14.92 -4.41
N ASN C 106 12.46 -14.55 -5.60
CA ASN C 106 12.37 -15.51 -6.69
C ASN C 106 13.74 -15.99 -7.15
N LYS C 107 14.71 -15.10 -7.14
CA LYS C 107 16.08 -15.48 -7.48
C LYS C 107 16.62 -16.43 -6.42
N HIS C 108 16.32 -16.13 -5.17
CA HIS C 108 16.82 -16.93 -4.06
C HIS C 108 16.29 -18.37 -4.09
N ILE C 109 15.00 -18.52 -4.31
CA ILE C 109 14.38 -19.84 -4.14
C ILE C 109 14.49 -20.70 -5.39
N ALA C 110 14.74 -20.11 -6.56
CA ALA C 110 14.64 -20.87 -7.80
C ALA C 110 15.63 -20.47 -8.89
N GLY C 111 16.45 -19.46 -8.62
CA GLY C 111 17.43 -18.97 -9.57
C GLY C 111 16.81 -18.29 -10.77
N VAL C 112 15.57 -17.86 -10.63
CA VAL C 112 14.86 -17.18 -11.73
C VAL C 112 15.12 -15.67 -11.65
N ASP C 113 15.57 -15.09 -12.75
CA ASP C 113 15.85 -13.67 -12.76
CA ASP C 113 15.90 -13.66 -12.87
C ASP C 113 14.66 -12.84 -13.21
N THR C 114 14.67 -11.55 -12.85
CA THR C 114 13.57 -10.66 -13.24
C THR C 114 14.12 -9.42 -13.93
N PHE C 115 13.60 -9.13 -15.11
CA PHE C 115 13.96 -7.94 -15.86
C PHE C 115 12.79 -7.00 -15.87
N PHE C 116 13.03 -5.77 -15.47
CA PHE C 116 11.98 -4.77 -15.45
C PHE C 116 12.11 -3.82 -16.61
N VAL C 117 10.98 -3.43 -17.17
CA VAL C 117 11.01 -2.43 -18.22
CA VAL C 117 10.94 -2.47 -18.25
C VAL C 117 10.12 -1.25 -17.83
N ALA C 118 10.62 -0.05 -18.13
CA ALA C 118 9.90 1.16 -17.83
C ALA C 118 8.69 1.29 -18.71
N THR C 119 7.60 1.70 -18.10
CA THR C 119 6.37 1.95 -18.82
C THR C 119 6.57 2.95 -19.97
N ALA C 120 5.84 2.77 -21.06
CA ALA C 120 5.81 3.83 -22.08
C ALA C 120 5.17 5.03 -21.41
N PRO C 121 5.66 6.24 -21.73
CA PRO C 121 5.14 7.44 -21.06
C PRO C 121 3.62 7.58 -21.19
N ALA C 122 3.07 7.23 -22.35
CA ALA C 122 1.65 7.42 -22.61
C ALA C 122 0.76 6.56 -21.72
N TYR C 123 1.32 5.49 -21.16
CA TYR C 123 0.55 4.56 -20.36
C TYR C 123 0.94 4.59 -18.88
N SER C 124 1.58 5.66 -18.47
CA SER C 124 2.09 5.73 -17.12
C SER C 124 0.98 5.67 -16.07
N PHE C 125 -0.23 6.09 -16.46
CA PHE C 125 -1.36 6.20 -15.53
C PHE C 125 -2.42 5.11 -15.72
N VAL C 126 -2.23 4.19 -16.65
CA VAL C 126 -3.23 3.16 -16.89
CA VAL C 126 -3.27 3.18 -16.83
C VAL C 126 -2.91 1.91 -16.06
N SER C 127 -3.94 1.33 -15.46
CA SER C 127 -3.87 0.07 -14.74
C SER C 127 -5.20 -0.61 -14.98
N SER C 128 -5.24 -1.93 -14.87
CA SER C 128 -6.51 -2.64 -15.02
C SER C 128 -7.56 -2.11 -14.05
N SER C 129 -7.16 -1.89 -12.80
CA SER C 129 -8.10 -1.50 -11.76
CA SER C 129 -8.10 -1.49 -11.75
C SER C 129 -8.67 -0.10 -11.99
N LEU C 130 -7.80 0.86 -12.33
CA LEU C 130 -8.29 2.20 -12.56
C LEU C 130 -9.14 2.27 -13.82
N ALA C 131 -8.78 1.51 -14.85
CA ALA C 131 -9.56 1.51 -16.08
C ALA C 131 -10.98 0.98 -15.82
N LYS C 132 -11.09 -0.06 -15.02
CA LYS C 132 -12.39 -0.66 -14.70
C LYS C 132 -13.24 0.31 -13.90
N GLU C 133 -12.61 0.92 -12.91
CA GLU C 133 -13.28 1.89 -12.04
C GLU C 133 -13.83 3.07 -12.83
N VAL C 134 -13.00 3.66 -13.68
CA VAL C 134 -13.42 4.80 -14.48
C VAL C 134 -14.55 4.41 -15.44
N ALA C 135 -14.42 3.26 -16.11
CA ALA C 135 -15.42 2.83 -17.07
C ALA C 135 -16.75 2.58 -16.37
N THR C 136 -16.68 2.09 -15.15
CA THR C 136 -17.86 1.74 -14.36
C THR C 136 -18.72 2.98 -14.11
N TYR C 137 -18.06 4.13 -13.98
CA TYR C 137 -18.79 5.38 -13.75
C TYR C 137 -18.95 6.19 -15.03
N GLY C 138 -18.73 5.56 -16.17
CA GLY C 138 -19.00 6.18 -17.45
C GLY C 138 -17.87 6.94 -18.10
N GLY C 139 -16.66 6.87 -17.55
CA GLY C 139 -15.51 7.51 -18.16
C GLY C 139 -15.02 6.77 -19.39
N ASP C 140 -14.51 7.50 -20.37
CA ASP C 140 -14.04 6.92 -21.62
C ASP C 140 -12.59 6.46 -21.53
N VAL C 141 -12.39 5.14 -21.55
CA VAL C 141 -11.06 4.56 -21.46
C VAL C 141 -10.63 3.87 -22.76
N SER C 142 -11.34 4.16 -23.85
CA SER C 142 -11.11 3.46 -25.11
C SER C 142 -9.70 3.65 -25.66
N ALA C 143 -9.04 4.75 -25.29
CA ALA C 143 -7.68 5.00 -25.77
C ALA C 143 -6.64 4.28 -24.93
N LEU C 144 -7.07 3.53 -23.93
CA LEU C 144 -6.16 2.92 -22.97
C LEU C 144 -6.15 1.41 -23.02
N LEU C 145 -7.06 0.85 -23.82
CA LEU C 145 -7.28 -0.59 -23.88
C LEU C 145 -7.26 -1.03 -25.34
N PRO C 146 -6.83 -2.28 -25.58
CA PRO C 146 -6.95 -2.82 -26.95
C PRO C 146 -8.39 -2.74 -27.42
N ALA C 147 -8.60 -2.46 -28.70
CA ALA C 147 -9.94 -2.23 -29.25
C ALA C 147 -10.91 -3.37 -28.90
N SER C 148 -10.40 -4.60 -28.96
CA SER C 148 -11.19 -5.78 -28.64
C SER C 148 -11.64 -5.77 -27.19
N VAL C 149 -10.66 -5.61 -26.29
CA VAL C 149 -10.92 -5.53 -24.85
C VAL C 149 -11.99 -4.51 -24.51
N HIS C 150 -11.90 -3.34 -25.13
CA HIS C 150 -12.82 -2.24 -24.83
C HIS C 150 -14.28 -2.62 -25.03
N GLN C 151 -14.61 -3.24 -26.16
CA GLN C 151 -16.01 -3.64 -26.33
C GLN C 151 -16.41 -4.74 -25.37
N ARG C 152 -15.48 -5.64 -25.07
CA ARG C 152 -15.75 -6.70 -24.10
C ARG C 152 -16.06 -6.11 -22.72
N LEU C 153 -15.34 -5.05 -22.37
CA LEU C 153 -15.57 -4.38 -21.09
C LEU C 153 -16.94 -3.72 -21.06
N LEU C 154 -17.29 -3.04 -22.14
CA LEU C 154 -18.61 -2.43 -22.27
C LEU C 154 -19.69 -3.49 -22.04
N GLY C 155 -19.46 -4.69 -22.57
CA GLY C 155 -20.38 -5.80 -22.39
C GLY C 155 -20.59 -6.21 -20.94
N LYS C 156 -19.50 -6.31 -20.17
CA LYS C 156 -19.60 -6.72 -18.78
C LYS C 156 -20.36 -5.72 -17.93
N LEU C 157 -20.29 -4.45 -18.32
CA LEU C 157 -20.93 -3.39 -17.55
C LEU C 157 -22.39 -3.21 -17.96
N ARG C 158 -22.64 -3.15 -19.26
CA ARG C 158 -24.00 -3.00 -19.78
C ARG C 158 -24.71 -4.35 -19.83
#